data_1F34
#
_entry.id   1F34
#
_cell.length_a   65.374
_cell.length_b   97.593
_cell.length_c   136.394
_cell.angle_alpha   90.00
_cell.angle_beta   90.00
_cell.angle_gamma   90.00
#
_symmetry.space_group_name_H-M   'C 2 2 21'
#
loop_
_entity.id
_entity.type
_entity.pdbx_description
1 polymer 'PEPSIN A'
2 polymer 'MAJOR PEPSIN INHIBITOR PI-3'
3 non-polymer (4S)-2-METHYL-2,4-PENTANEDIOL
4 water water
#
loop_
_entity_poly.entity_id
_entity_poly.type
_entity_poly.pdbx_seq_one_letter_code
_entity_poly.pdbx_strand_id
1 'polypeptide(L)'
;IGDEPLENYLDTEYFGTIGIGTPAQDFTVIFDTGSSNLWVPSVYCSSLACSDHNQFNPDDSSTFEAT(SEP)QELSITYG
TGSMTGILGYDTVQVGGISDTNQIFGLSETEPGSFLYYAPFDGILGLAYPSISASGATPVFDNLWDQGLVSQDLFSVYLS
SNDDSGSVVLLGGIDSSYYTGSLNWVPVSVEGYWQITLDSITMDGETIACSGGCQAIVDTGTSLLTGPTSAIANIQSDIG
ASENSDGEMVISCSSIDSLPDIVFTINGVQYPLSPSAYILQDDDSCTSGFEGMDVPTSSGELWILGDVFIRQYYTVFDRA
NNKVGLAPVA
;
A
2 'polypeptide(L)'
;QFLFSMSTGPFICTVKDNQVFVANLPWTMLEGDDIQVGKEFAARVEDCTNVKHDMAPTCTKPPPFCGPQDMKMFNFVGCS
VLGNKLFIDQKYVRDLTAKDHAEVQTFREKIAAFEEQQENQPPSSGMPHGAVPAGGLSPPPPPSFCTVQ
;
B
#
loop_
_chem_comp.id
_chem_comp.type
_chem_comp.name
_chem_comp.formula
MPD non-polymer (4S)-2-METHYL-2,4-PENTANEDIOL 'C6 H14 O2'
#
# COMPACT_ATOMS: atom_id res chain seq x y z
N ILE A 1 21.57 10.80 -7.03
CA ILE A 1 21.73 9.33 -6.82
C ILE A 1 20.76 8.86 -5.73
N GLY A 2 20.57 7.55 -5.65
CA GLY A 2 19.66 6.98 -4.66
C GLY A 2 18.24 7.09 -5.20
N ASP A 3 18.15 7.21 -6.52
CA ASP A 3 16.87 7.35 -7.19
C ASP A 3 16.47 6.08 -7.92
N GLU A 4 15.18 5.94 -8.10
CA GLU A 4 14.64 4.79 -8.78
C GLU A 4 13.83 5.32 -9.96
N PRO A 5 14.36 5.18 -11.17
CA PRO A 5 13.67 5.65 -12.37
C PRO A 5 12.37 4.87 -12.51
N LEU A 6 11.31 5.51 -12.96
CA LEU A 6 10.03 4.86 -13.15
C LEU A 6 9.56 5.07 -14.58
N GLU A 7 9.00 4.01 -15.16
CA GLU A 7 8.48 4.07 -16.51
C GLU A 7 7.04 4.54 -16.40
N ASN A 8 6.54 5.16 -17.46
CA ASN A 8 5.18 5.69 -17.51
C ASN A 8 4.41 4.92 -18.59
N TYR A 9 3.52 4.04 -18.17
CA TYR A 9 2.74 3.29 -19.15
C TYR A 9 1.36 3.93 -19.32
N LEU A 10 1.21 4.70 -20.39
CA LEU A 10 -0.06 5.35 -20.68
C LEU A 10 -0.62 6.18 -19.51
N ASP A 11 0.24 6.90 -18.81
CA ASP A 11 -0.14 7.73 -17.66
C ASP A 11 -1.07 6.99 -16.71
N THR A 12 -1.00 5.66 -16.73
CA THR A 12 -1.86 4.83 -15.89
C THR A 12 -1.13 4.00 -14.84
N GLU A 13 0.14 3.69 -15.10
CA GLU A 13 0.92 2.91 -14.16
C GLU A 13 2.37 3.34 -14.17
N TYR A 14 2.97 3.42 -12.99
CA TYR A 14 4.36 3.80 -12.90
C TYR A 14 5.12 2.74 -12.14
N PHE A 15 6.11 2.17 -12.80
CA PHE A 15 6.89 1.12 -12.19
C PHE A 15 8.37 1.27 -12.45
N GLY A 16 9.17 0.73 -11.55
CA GLY A 16 10.61 0.81 -11.69
C GLY A 16 11.18 -0.58 -11.54
N THR A 17 12.48 -0.70 -11.74
CA THR A 17 13.11 -2.01 -11.66
C THR A 17 13.83 -2.29 -10.35
N ILE A 18 13.77 -3.55 -9.90
CA ILE A 18 14.49 -3.95 -8.69
C ILE A 18 15.11 -5.32 -8.96
N GLY A 19 16.12 -5.65 -8.15
CA GLY A 19 16.78 -6.93 -8.30
C GLY A 19 16.58 -7.68 -6.99
N ILE A 20 16.42 -8.99 -7.07
CA ILE A 20 16.23 -9.79 -5.86
C ILE A 20 17.09 -11.06 -5.94
N GLY A 21 17.75 -11.36 -4.83
CA GLY A 21 18.62 -12.52 -4.75
C GLY A 21 20.05 -12.24 -5.22
N THR A 22 20.92 -13.23 -5.02
CA THR A 22 22.31 -13.15 -5.43
C THR A 22 22.57 -14.32 -6.35
N PRO A 23 22.82 -14.06 -7.65
CA PRO A 23 22.86 -12.73 -8.26
C PRO A 23 21.41 -12.26 -8.39
N ALA A 24 21.22 -11.02 -8.83
CA ALA A 24 19.89 -10.45 -8.93
C ALA A 24 18.96 -10.97 -10.01
N GLN A 25 17.72 -11.20 -9.62
CA GLN A 25 16.68 -11.60 -10.56
C GLN A 25 15.91 -10.29 -10.61
N ASP A 26 15.67 -9.78 -11.79
CA ASP A 26 14.97 -8.53 -11.88
C ASP A 26 13.47 -8.64 -12.04
N PHE A 27 12.77 -7.63 -11.52
CA PHE A 27 11.34 -7.55 -11.60
C PHE A 27 10.98 -6.08 -11.66
N THR A 28 9.84 -5.79 -12.29
CA THR A 28 9.32 -4.44 -12.35
C THR A 28 8.17 -4.42 -11.32
N VAL A 29 8.14 -3.40 -10.47
CA VAL A 29 7.10 -3.29 -9.45
C VAL A 29 6.59 -1.88 -9.33
N ILE A 30 5.30 -1.76 -9.07
CA ILE A 30 4.71 -0.45 -8.86
C ILE A 30 5.25 0.05 -7.51
N PHE A 31 5.68 1.31 -7.47
CA PHE A 31 6.12 1.88 -6.21
C PHE A 31 4.85 2.52 -5.68
N ASP A 32 4.13 1.71 -4.91
CA ASP A 32 2.81 1.98 -4.34
C ASP A 32 2.76 2.54 -2.92
N THR A 33 2.53 3.85 -2.80
CA THR A 33 2.43 4.49 -1.51
C THR A 33 1.05 4.20 -0.91
N GLY A 34 0.28 3.36 -1.58
CA GLY A 34 -1.04 3.02 -1.08
C GLY A 34 -1.03 1.74 -0.28
N SER A 35 0.14 1.09 -0.18
CA SER A 35 0.28 -0.14 0.58
C SER A 35 1.69 -0.30 1.13
N SER A 36 1.89 -1.37 1.88
CA SER A 36 3.16 -1.52 2.54
C SER A 36 3.96 -2.79 2.30
N ASN A 37 3.43 -3.74 1.52
CA ASN A 37 4.17 -4.98 1.27
C ASN A 37 4.95 -5.03 -0.06
N LEU A 38 5.96 -5.88 -0.09
CA LEU A 38 6.73 -6.09 -1.29
C LEU A 38 6.46 -7.53 -1.70
N TRP A 39 6.07 -7.75 -2.95
CA TRP A 39 5.84 -9.11 -3.44
C TRP A 39 6.06 -9.20 -4.94
N VAL A 40 6.47 -10.38 -5.41
CA VAL A 40 6.71 -10.61 -6.84
C VAL A 40 6.31 -12.05 -7.20
N PRO A 41 6.00 -12.29 -8.49
CA PRO A 41 5.63 -13.66 -8.88
C PRO A 41 6.76 -14.63 -8.59
N SER A 42 6.42 -15.90 -8.37
CA SER A 42 7.41 -16.93 -8.09
C SER A 42 7.13 -18.22 -8.88
N VAL A 43 8.10 -19.12 -8.91
CA VAL A 43 7.92 -20.39 -9.62
C VAL A 43 6.83 -21.23 -8.92
N TYR A 44 6.39 -20.77 -7.76
CA TYR A 44 5.33 -21.44 -7.01
C TYR A 44 3.95 -20.94 -7.41
N CYS A 45 3.90 -19.90 -8.26
CA CYS A 45 2.62 -19.33 -8.68
C CYS A 45 1.90 -20.09 -9.79
N SER A 46 0.58 -20.20 -9.69
CA SER A 46 -0.22 -20.94 -10.67
C SER A 46 -1.24 -20.11 -11.44
N SER A 47 -1.27 -18.81 -11.21
CA SER A 47 -2.23 -17.96 -11.90
C SER A 47 -1.78 -17.57 -13.31
N LEU A 48 -2.76 -17.20 -14.12
CA LEU A 48 -2.55 -16.80 -15.49
C LEU A 48 -1.44 -15.74 -15.63
N ALA A 49 -1.60 -14.64 -14.91
CA ALA A 49 -0.65 -13.54 -14.96
C ALA A 49 0.79 -13.98 -14.73
N CYS A 50 0.96 -15.11 -14.07
CA CYS A 50 2.27 -15.61 -13.76
C CYS A 50 2.90 -16.35 -14.91
N SER A 51 2.09 -16.72 -15.89
CA SER A 51 2.60 -17.44 -17.05
C SER A 51 3.34 -16.48 -17.97
N ASP A 52 3.12 -15.19 -17.79
CA ASP A 52 3.79 -14.23 -18.64
C ASP A 52 4.49 -13.07 -17.92
N HIS A 53 5.05 -13.33 -16.74
CA HIS A 53 5.80 -12.32 -15.99
C HIS A 53 7.04 -12.93 -15.35
N ASN A 54 7.97 -12.08 -14.91
CA ASN A 54 9.16 -12.62 -14.28
C ASN A 54 8.78 -13.33 -12.98
N GLN A 55 9.39 -14.50 -12.77
CA GLN A 55 9.14 -15.31 -11.60
C GLN A 55 10.42 -15.56 -10.81
N PHE A 56 10.36 -15.30 -9.51
CA PHE A 56 11.49 -15.48 -8.62
C PHE A 56 11.74 -16.95 -8.31
N ASN A 57 12.99 -17.39 -8.46
CA ASN A 57 13.32 -18.77 -8.15
C ASN A 57 14.29 -18.77 -6.97
N PRO A 58 13.79 -19.13 -5.79
CA PRO A 58 14.65 -19.14 -4.59
C PRO A 58 15.91 -20.00 -4.75
N ASP A 59 15.83 -21.08 -5.50
CA ASP A 59 16.99 -21.94 -5.70
C ASP A 59 18.10 -21.32 -6.53
N ASP A 60 17.84 -20.17 -7.14
CA ASP A 60 18.88 -19.50 -7.92
C ASP A 60 19.51 -18.40 -7.07
N SER A 61 19.30 -18.44 -5.76
CA SER A 61 19.84 -17.38 -4.93
C SER A 61 20.59 -17.90 -3.74
N SER A 62 21.88 -17.58 -3.70
CA SER A 62 22.72 -18.03 -2.60
C SER A 62 22.39 -17.32 -1.28
N THR A 63 21.53 -16.30 -1.33
CA THR A 63 21.19 -15.56 -0.11
C THR A 63 19.75 -15.70 0.38
N PHE A 64 18.89 -16.35 -0.38
CA PHE A 64 17.50 -16.50 0.03
C PHE A 64 17.33 -17.30 1.33
N GLU A 65 16.28 -16.98 2.05
CA GLU A 65 15.92 -17.66 3.30
C GLU A 65 14.40 -17.87 3.29
N ALA A 66 13.98 -19.13 3.30
CA ALA A 66 12.56 -19.46 3.29
C ALA A 66 11.92 -19.37 4.68
N THR A 67 10.59 -19.38 4.68
CA THR A 67 9.77 -19.40 5.89
C THR A 67 8.54 -20.12 5.37
N SEP A 68 7.66 -20.56 6.25
CA SEP A 68 6.46 -21.25 5.80
CB SEP A 68 6.33 -22.62 6.46
OG SEP A 68 6.59 -22.53 7.85
C SEP A 68 5.24 -20.38 6.09
O SEP A 68 4.09 -20.83 6.01
P SEP A 68 6.80 -23.97 8.41
O1P SEP A 68 5.54 -24.41 9.20
O2P SEP A 68 8.03 -23.97 9.35
O3P SEP A 68 7.05 -24.96 7.22
N GLN A 69 5.52 -19.13 6.39
CA GLN A 69 4.51 -18.14 6.68
C GLN A 69 3.81 -17.76 5.38
N GLU A 70 2.52 -18.05 5.28
CA GLU A 70 1.78 -17.69 4.08
C GLU A 70 0.92 -16.47 4.39
N LEU A 71 0.56 -15.72 3.37
CA LEU A 71 -0.30 -14.57 3.56
C LEU A 71 -1.17 -14.36 2.34
N SER A 72 -2.26 -13.63 2.55
CA SER A 72 -3.17 -13.33 1.48
C SER A 72 -3.44 -11.84 1.64
N ILE A 73 -3.28 -11.10 0.55
CA ILE A 73 -3.46 -9.64 0.56
C ILE A 73 -4.55 -9.23 -0.41
N THR A 74 -5.42 -8.31 -0.01
CA THR A 74 -6.40 -7.89 -0.98
C THR A 74 -6.36 -6.38 -1.09
N TYR A 75 -6.33 -5.91 -2.33
CA TYR A 75 -6.27 -4.49 -2.65
C TYR A 75 -7.61 -4.02 -3.23
N GLY A 76 -7.68 -2.72 -3.55
CA GLY A 76 -8.89 -2.18 -4.12
C GLY A 76 -9.20 -2.78 -5.47
N THR A 77 -8.16 -3.18 -6.21
CA THR A 77 -8.37 -3.74 -7.55
C THR A 77 -8.06 -5.21 -7.70
N GLY A 78 -7.50 -5.81 -6.67
CA GLY A 78 -7.18 -7.23 -6.77
C GLY A 78 -6.61 -7.80 -5.49
N SER A 79 -6.24 -9.08 -5.53
CA SER A 79 -5.69 -9.76 -4.38
C SER A 79 -4.56 -10.66 -4.84
N MET A 80 -3.86 -11.26 -3.89
CA MET A 80 -2.78 -12.20 -4.16
C MET A 80 -2.53 -13.06 -2.94
N THR A 81 -1.88 -14.19 -3.16
CA THR A 81 -1.53 -15.08 -2.08
C THR A 81 -0.07 -15.44 -2.28
N GLY A 82 0.62 -15.72 -1.17
CA GLY A 82 2.02 -16.08 -1.27
C GLY A 82 2.63 -16.59 0.01
N ILE A 83 3.94 -16.79 -0.06
CA ILE A 83 4.76 -17.26 1.05
C ILE A 83 5.86 -16.22 1.26
N LEU A 84 6.17 -15.90 2.52
CA LEU A 84 7.20 -14.91 2.80
C LEU A 84 8.58 -15.55 2.78
N GLY A 85 9.59 -14.74 2.45
CA GLY A 85 10.95 -15.19 2.39
C GLY A 85 11.85 -13.99 2.56
N TYR A 86 13.15 -14.23 2.71
CA TYR A 86 14.10 -13.14 2.89
C TYR A 86 15.20 -13.13 1.85
N ASP A 87 15.54 -11.93 1.38
CA ASP A 87 16.64 -11.81 0.45
C ASP A 87 17.11 -10.38 0.42
N THR A 88 18.10 -10.14 -0.43
CA THR A 88 18.69 -8.85 -0.63
C THR A 88 17.98 -8.24 -1.81
N VAL A 89 17.54 -6.98 -1.64
CA VAL A 89 16.82 -6.30 -2.70
C VAL A 89 17.55 -5.02 -3.15
N GLN A 90 17.78 -4.94 -4.46
CA GLN A 90 18.43 -3.81 -5.13
C GLN A 90 17.40 -2.79 -5.60
N VAL A 91 17.36 -1.63 -4.97
CA VAL A 91 16.41 -0.62 -5.36
C VAL A 91 17.01 0.78 -5.16
N GLY A 92 16.76 1.66 -6.13
CA GLY A 92 17.27 3.02 -6.05
C GLY A 92 18.77 3.12 -5.80
N GLY A 93 19.53 2.17 -6.35
CA GLY A 93 20.97 2.18 -6.20
C GLY A 93 21.42 1.80 -4.81
N ILE A 94 20.52 1.16 -4.05
CA ILE A 94 20.82 0.76 -2.69
C ILE A 94 20.69 -0.77 -2.57
N SER A 95 21.42 -1.36 -1.64
CA SER A 95 21.40 -2.80 -1.45
C SER A 95 20.72 -3.16 -0.13
N ASP A 96 19.41 -3.38 -0.21
CA ASP A 96 18.56 -3.70 0.95
C ASP A 96 18.65 -5.17 1.34
N THR A 97 19.50 -5.44 2.34
CA THR A 97 19.70 -6.80 2.81
C THR A 97 18.68 -7.23 3.85
N ASN A 98 18.48 -8.54 3.96
CA ASN A 98 17.54 -9.12 4.91
C ASN A 98 16.13 -8.56 4.76
N GLN A 99 15.69 -8.32 3.53
CA GLN A 99 14.35 -7.79 3.28
C GLN A 99 13.32 -8.91 3.14
N ILE A 100 12.27 -8.84 3.94
CA ILE A 100 11.25 -9.87 3.80
C ILE A 100 10.34 -9.47 2.63
N PHE A 101 9.87 -10.46 1.86
CA PHE A 101 8.97 -10.20 0.75
C PHE A 101 8.17 -11.43 0.43
N GLY A 102 7.14 -11.25 -0.39
CA GLY A 102 6.32 -12.38 -0.75
C GLY A 102 6.58 -12.99 -2.10
N LEU A 103 6.57 -14.32 -2.14
CA LEU A 103 6.73 -15.05 -3.39
C LEU A 103 5.28 -15.46 -3.67
N SER A 104 4.69 -14.90 -4.71
CA SER A 104 3.28 -15.24 -4.98
C SER A 104 2.98 -16.70 -5.36
N GLU A 105 1.80 -17.14 -4.93
CA GLU A 105 1.30 -18.48 -5.24
C GLU A 105 0.14 -18.29 -6.23
N THR A 106 -0.59 -17.18 -6.07
CA THR A 106 -1.70 -16.83 -6.97
C THR A 106 -1.80 -15.29 -7.05
N GLU A 107 -2.41 -14.82 -8.12
CA GLU A 107 -2.64 -13.40 -8.39
C GLU A 107 -3.56 -13.42 -9.59
N PRO A 108 -4.82 -13.80 -9.38
CA PRO A 108 -5.90 -13.92 -10.39
C PRO A 108 -6.29 -12.67 -11.14
N GLY A 109 -6.91 -12.87 -12.30
CA GLY A 109 -7.36 -11.74 -13.08
C GLY A 109 -6.58 -11.46 -14.34
N SER A 110 -7.28 -10.91 -15.32
CA SER A 110 -6.68 -10.58 -16.60
C SER A 110 -5.86 -9.30 -16.47
N PHE A 111 -6.29 -8.41 -15.57
CA PHE A 111 -5.57 -7.16 -15.40
C PHE A 111 -4.07 -7.46 -15.25
N LEU A 112 -3.74 -8.31 -14.28
CA LEU A 112 -2.34 -8.68 -14.04
C LEU A 112 -1.67 -9.38 -15.23
N TYR A 113 -2.45 -10.16 -15.98
CA TYR A 113 -1.91 -10.87 -17.13
C TYR A 113 -1.48 -9.90 -18.23
N TYR A 114 -2.24 -8.81 -18.37
CA TYR A 114 -1.95 -7.81 -19.37
C TYR A 114 -1.13 -6.64 -18.82
N ALA A 115 -0.95 -6.62 -17.50
CA ALA A 115 -0.20 -5.54 -16.86
C ALA A 115 1.28 -5.57 -17.24
N PRO A 116 1.89 -4.40 -17.43
CA PRO A 116 3.31 -4.37 -17.81
C PRO A 116 4.30 -4.39 -16.62
N PHE A 117 3.84 -4.79 -15.44
CA PHE A 117 4.73 -4.87 -14.27
C PHE A 117 4.59 -6.25 -13.58
N ASP A 118 5.60 -6.63 -12.80
CA ASP A 118 5.57 -7.92 -12.12
C ASP A 118 4.99 -7.97 -10.72
N GLY A 119 5.34 -7.00 -9.89
CA GLY A 119 4.85 -7.02 -8.52
C GLY A 119 4.53 -5.67 -7.93
N ILE A 120 4.59 -5.60 -6.61
CA ILE A 120 4.28 -4.39 -5.89
C ILE A 120 5.26 -4.14 -4.73
N LEU A 121 5.69 -2.89 -4.61
CA LEU A 121 6.60 -2.50 -3.54
C LEU A 121 5.86 -1.44 -2.70
N GLY A 122 5.27 -1.88 -1.59
CA GLY A 122 4.50 -0.99 -0.73
C GLY A 122 5.34 0.05 -0.01
N LEU A 123 4.92 1.31 -0.12
CA LEU A 123 5.63 2.43 0.48
C LEU A 123 4.86 3.10 1.62
N ALA A 124 3.77 2.48 2.06
CA ALA A 124 2.98 3.07 3.15
C ALA A 124 3.54 2.66 4.52
N TYR A 125 2.82 3.03 5.59
CA TYR A 125 3.21 2.72 6.98
C TYR A 125 3.07 1.23 7.35
N PRO A 126 3.95 0.74 8.23
CA PRO A 126 3.98 -0.66 8.69
C PRO A 126 2.65 -1.20 9.22
N SER A 127 1.89 -0.33 9.89
CA SER A 127 0.60 -0.74 10.45
C SER A 127 -0.36 -1.33 9.43
N ILE A 128 -0.15 -1.03 8.15
CA ILE A 128 -1.04 -1.60 7.16
C ILE A 128 -0.33 -2.64 6.30
N SER A 129 0.76 -3.19 6.83
CA SER A 129 1.50 -4.24 6.14
C SER A 129 1.00 -5.63 6.55
N ALA A 130 0.62 -6.44 5.57
CA ALA A 130 0.14 -7.79 5.86
C ALA A 130 1.12 -8.55 6.75
N SER A 131 0.58 -9.24 7.75
CA SER A 131 1.38 -10.01 8.71
C SER A 131 2.51 -9.19 9.33
N GLY A 132 2.34 -7.87 9.34
CA GLY A 132 3.35 -6.98 9.92
C GLY A 132 4.74 -7.15 9.32
N ALA A 133 4.82 -7.51 8.05
CA ALA A 133 6.11 -7.69 7.40
C ALA A 133 6.83 -6.34 7.29
N THR A 134 8.11 -6.32 7.65
CA THR A 134 8.89 -5.08 7.59
C THR A 134 8.95 -4.53 6.18
N PRO A 135 8.32 -3.36 5.97
CA PRO A 135 8.31 -2.71 4.65
C PRO A 135 9.73 -2.32 4.20
N VAL A 136 9.95 -2.38 2.90
CA VAL A 136 11.24 -2.01 2.31
C VAL A 136 11.80 -0.71 2.89
N PHE A 137 11.06 0.40 2.79
CA PHE A 137 11.58 1.68 3.27
C PHE A 137 11.96 1.70 4.74
N ASP A 138 11.16 1.05 5.60
CA ASP A 138 11.48 1.01 7.01
C ASP A 138 12.79 0.25 7.23
N ASN A 139 13.08 -0.66 6.30
CA ASN A 139 14.26 -1.49 6.33
C ASN A 139 15.46 -0.67 5.87
N LEU A 140 15.22 0.25 4.96
CA LEU A 140 16.27 1.09 4.45
C LEU A 140 16.76 1.98 5.58
N TRP A 141 15.79 2.60 6.26
CA TRP A 141 16.08 3.49 7.38
C TRP A 141 16.70 2.74 8.55
N ASP A 142 16.22 1.53 8.82
CA ASP A 142 16.75 0.74 9.93
C ASP A 142 18.21 0.33 9.71
N GLN A 143 18.57 0.07 8.46
CA GLN A 143 19.94 -0.35 8.18
C GLN A 143 20.84 0.82 7.76
N GLY A 144 20.36 2.04 7.99
CA GLY A 144 21.12 3.23 7.64
C GLY A 144 21.46 3.43 6.17
N LEU A 145 20.71 2.78 5.28
CA LEU A 145 20.98 2.90 3.85
C LEU A 145 20.44 4.17 3.18
N VAL A 146 19.72 4.99 3.93
CA VAL A 146 19.22 6.25 3.36
C VAL A 146 19.63 7.38 4.28
N SER A 147 20.01 8.50 3.68
CA SER A 147 20.46 9.67 4.43
C SER A 147 19.36 10.27 5.31
N GLN A 148 18.17 10.44 4.73
CA GLN A 148 17.03 11.01 5.47
C GLN A 148 15.82 10.07 5.45
N ASP A 149 15.04 10.13 6.51
CA ASP A 149 13.86 9.28 6.66
C ASP A 149 12.67 9.74 5.82
N LEU A 150 12.87 9.87 4.52
CA LEU A 150 11.83 10.34 3.61
C LEU A 150 12.16 9.96 2.18
N PHE A 151 11.21 10.17 1.27
CA PHE A 151 11.46 9.88 -0.15
C PHE A 151 10.57 10.79 -0.98
N SER A 152 11.01 11.14 -2.19
CA SER A 152 10.25 12.05 -3.05
C SER A 152 9.77 11.36 -4.33
N VAL A 153 8.68 11.87 -4.89
CA VAL A 153 8.12 11.25 -6.07
C VAL A 153 7.70 12.23 -7.15
N TYR A 154 8.16 11.95 -8.36
CA TYR A 154 7.83 12.74 -9.52
C TYR A 154 7.20 11.82 -10.57
N LEU A 155 6.01 12.16 -11.03
CA LEU A 155 5.32 11.36 -12.04
C LEU A 155 5.11 12.15 -13.32
N SER A 156 5.77 11.73 -14.39
CA SER A 156 5.68 12.38 -15.70
C SER A 156 4.26 12.42 -16.23
N SER A 157 4.06 13.20 -17.29
CA SER A 157 2.76 13.34 -17.92
C SER A 157 2.85 13.02 -19.40
N ASN A 158 1.70 12.87 -20.05
CA ASN A 158 1.63 12.55 -21.46
C ASN A 158 2.61 11.45 -21.88
N ASP A 159 2.59 10.34 -21.13
CA ASP A 159 3.45 9.20 -21.41
C ASP A 159 4.95 9.50 -21.46
N ASP A 160 5.34 10.67 -20.99
CA ASP A 160 6.74 11.04 -20.99
C ASP A 160 7.59 10.14 -20.08
N SER A 161 8.91 10.30 -20.18
CA SER A 161 9.83 9.53 -19.36
C SER A 161 10.30 10.49 -18.29
N GLY A 162 11.31 10.09 -17.51
CA GLY A 162 11.82 10.95 -16.48
C GLY A 162 11.22 10.74 -15.09
N SER A 163 10.13 9.99 -15.01
CA SER A 163 9.48 9.73 -13.73
C SER A 163 10.48 9.09 -12.77
N VAL A 164 10.31 9.31 -11.47
CA VAL A 164 11.27 8.76 -10.53
C VAL A 164 10.87 8.87 -9.07
N VAL A 165 11.50 8.05 -8.23
CA VAL A 165 11.29 8.08 -6.78
C VAL A 165 12.67 8.31 -6.18
N LEU A 166 12.82 9.34 -5.37
CA LEU A 166 14.12 9.61 -4.76
C LEU A 166 14.07 9.07 -3.35
N LEU A 167 14.88 8.06 -3.08
CA LEU A 167 14.91 7.45 -1.77
C LEU A 167 15.89 8.18 -0.84
N GLY A 168 15.38 8.60 0.31
CA GLY A 168 16.21 9.28 1.28
C GLY A 168 16.56 10.72 0.93
N GLY A 169 15.81 11.33 0.02
CA GLY A 169 16.11 12.71 -0.33
C GLY A 169 15.12 13.47 -1.18
N ILE A 170 15.31 14.78 -1.20
CA ILE A 170 14.46 15.70 -1.96
C ILE A 170 15.33 16.38 -3.03
N ASP A 171 14.77 16.64 -4.20
CA ASP A 171 15.55 17.32 -5.25
C ASP A 171 14.85 18.56 -5.79
N SER A 172 15.46 19.73 -5.54
CA SER A 172 14.93 21.04 -5.95
C SER A 172 14.50 21.07 -7.42
N SER A 173 15.43 20.64 -8.26
CA SER A 173 15.24 20.60 -9.70
C SER A 173 13.83 20.15 -10.14
N TYR A 174 13.22 19.24 -9.40
CA TYR A 174 11.90 18.74 -9.78
C TYR A 174 10.70 19.60 -9.40
N TYR A 175 10.92 20.68 -8.67
CA TYR A 175 9.79 21.53 -8.30
C TYR A 175 10.14 23.02 -8.30
N THR A 176 9.11 23.86 -8.30
CA THR A 176 9.28 25.32 -8.28
C THR A 176 8.72 25.87 -6.98
N GLY A 177 9.36 26.93 -6.48
CA GLY A 177 8.90 27.54 -5.26
C GLY A 177 9.33 26.80 -4.01
N SER A 178 8.40 26.59 -3.09
CA SER A 178 8.70 25.89 -1.85
C SER A 178 7.65 24.85 -1.52
N LEU A 179 8.06 23.84 -0.77
CA LEU A 179 7.18 22.76 -0.37
C LEU A 179 6.28 23.16 0.80
N ASN A 180 5.00 22.88 0.65
CA ASN A 180 4.02 23.15 1.69
C ASN A 180 3.90 21.86 2.46
N TRP A 181 4.15 21.91 3.76
CA TRP A 181 4.05 20.70 4.55
C TRP A 181 2.65 20.49 5.09
N VAL A 182 2.18 19.26 4.94
CA VAL A 182 0.84 18.85 5.37
C VAL A 182 0.97 17.72 6.39
N PRO A 183 0.36 17.91 7.58
CA PRO A 183 0.46 16.87 8.61
C PRO A 183 -0.33 15.61 8.23
N VAL A 184 0.21 14.45 8.60
CA VAL A 184 -0.47 13.19 8.32
C VAL A 184 -1.55 13.02 9.40
N SER A 185 -2.80 12.98 8.99
CA SER A 185 -3.90 12.85 9.96
C SER A 185 -3.97 11.45 10.60
N VAL A 186 -3.69 10.41 9.83
CA VAL A 186 -3.75 9.03 10.32
C VAL A 186 -2.63 8.17 9.72
N GLU A 187 -1.81 7.57 10.57
CA GLU A 187 -0.70 6.74 10.10
C GLU A 187 -1.08 5.31 9.68
N GLY A 188 -1.05 5.06 8.37
CA GLY A 188 -1.35 3.75 7.82
C GLY A 188 -1.07 3.92 6.35
N TYR A 189 -1.98 4.65 5.71
CA TYR A 189 -1.86 5.02 4.32
C TYR A 189 -1.18 6.35 4.59
N TRP A 190 -0.80 7.06 3.54
CA TRP A 190 -0.24 8.37 3.77
C TRP A 190 -1.48 9.28 3.78
N GLN A 191 -2.20 9.25 4.89
CA GLN A 191 -3.44 10.01 5.04
C GLN A 191 -3.36 11.47 5.51
N ILE A 192 -4.12 12.35 4.84
CA ILE A 192 -4.19 13.76 5.19
C ILE A 192 -5.64 14.20 5.19
N THR A 193 -5.93 15.35 5.78
CA THR A 193 -7.30 15.84 5.80
C THR A 193 -7.51 16.79 4.64
N LEU A 194 -8.64 16.62 3.97
CA LEU A 194 -9.02 17.44 2.83
C LEU A 194 -9.98 18.50 3.35
N ASP A 195 -9.59 19.77 3.30
CA ASP A 195 -10.47 20.84 3.79
C ASP A 195 -11.76 20.96 3.00
N SER A 196 -11.64 21.06 1.69
CA SER A 196 -12.80 21.20 0.84
C SER A 196 -12.47 20.98 -0.63
N ILE A 197 -13.49 20.59 -1.38
CA ILE A 197 -13.36 20.38 -2.80
C ILE A 197 -14.35 21.36 -3.42
N THR A 198 -13.83 22.43 -4.03
CA THR A 198 -14.70 23.45 -4.60
C THR A 198 -14.20 24.10 -5.88
N MET A 199 -15.11 24.27 -6.84
CA MET A 199 -14.79 24.95 -8.09
C MET A 199 -15.67 26.20 -8.10
N ASP A 200 -15.06 27.34 -8.40
CA ASP A 200 -15.77 28.62 -8.41
C ASP A 200 -16.26 28.92 -7.00
N GLY A 201 -15.41 28.63 -6.03
CA GLY A 201 -15.74 28.86 -4.63
C GLY A 201 -16.90 28.05 -4.11
N GLU A 202 -17.47 27.21 -4.97
CA GLU A 202 -18.62 26.39 -4.58
C GLU A 202 -18.30 24.96 -4.15
N THR A 203 -18.69 24.63 -2.92
CA THR A 203 -18.47 23.32 -2.32
C THR A 203 -19.23 22.21 -3.04
N ILE A 204 -18.53 21.52 -3.94
CA ILE A 204 -19.11 20.45 -4.74
C ILE A 204 -19.10 19.07 -4.06
N ALA A 205 -18.25 18.90 -3.06
CA ALA A 205 -18.16 17.62 -2.35
C ALA A 205 -17.26 17.74 -1.13
N CYS A 206 -17.20 16.68 -0.33
CA CYS A 206 -16.37 16.69 0.87
C CYS A 206 -16.69 18.00 1.61
N SER A 207 -17.87 18.03 2.20
CA SER A 207 -18.32 19.22 2.94
C SER A 207 -17.98 19.09 4.42
N GLY A 208 -17.36 20.13 4.96
CA GLY A 208 -16.97 20.11 6.36
C GLY A 208 -15.68 19.36 6.53
N GLY A 209 -15.12 18.91 5.41
CA GLY A 209 -13.87 18.17 5.45
C GLY A 209 -14.04 16.67 5.28
N CYS A 210 -12.95 16.01 4.90
CA CYS A 210 -12.96 14.56 4.71
C CYS A 210 -11.52 14.02 4.74
N GLN A 211 -11.40 12.71 4.88
CA GLN A 211 -10.09 12.08 4.90
C GLN A 211 -9.63 11.69 3.49
N ALA A 212 -8.34 11.86 3.20
CA ALA A 212 -7.80 11.52 1.90
C ALA A 212 -6.41 10.89 2.00
N ILE A 213 -6.07 10.05 1.03
CA ILE A 213 -4.76 9.42 1.01
C ILE A 213 -4.05 9.76 -0.30
N VAL A 214 -2.73 9.82 -0.26
CA VAL A 214 -1.94 10.09 -1.46
C VAL A 214 -1.44 8.73 -1.92
N ASP A 215 -1.95 8.28 -3.05
CA ASP A 215 -1.55 6.98 -3.53
C ASP A 215 -1.04 6.89 -4.97
N THR A 216 0.25 6.62 -5.10
CA THR A 216 0.87 6.48 -6.41
C THR A 216 0.29 5.25 -7.12
N GLY A 217 -0.13 4.26 -6.34
CA GLY A 217 -0.71 3.05 -6.91
C GLY A 217 -2.08 3.15 -7.59
N THR A 218 -2.73 4.30 -7.44
CA THR A 218 -4.04 4.52 -8.07
C THR A 218 -3.86 5.52 -9.20
N SER A 219 -4.50 5.25 -10.34
CA SER A 219 -4.34 6.11 -11.49
C SER A 219 -5.25 7.34 -11.47
N LEU A 220 -6.49 7.14 -11.05
CA LEU A 220 -7.47 8.22 -11.05
C LEU A 220 -7.63 8.91 -9.70
N LEU A 221 -8.44 9.96 -9.69
CA LEU A 221 -8.72 10.70 -8.48
C LEU A 221 -10.11 10.23 -8.11
N THR A 222 -10.17 9.26 -7.20
CA THR A 222 -11.44 8.69 -6.79
C THR A 222 -11.98 9.34 -5.53
N GLY A 223 -13.27 9.14 -5.30
CA GLY A 223 -13.95 9.68 -4.14
C GLY A 223 -15.23 8.91 -3.94
N PRO A 224 -15.87 9.00 -2.76
CA PRO A 224 -17.12 8.25 -2.55
C PRO A 224 -18.12 8.46 -3.69
N THR A 225 -18.80 7.40 -4.07
CA THR A 225 -19.77 7.44 -5.16
C THR A 225 -20.79 8.56 -5.06
N SER A 226 -21.55 8.57 -3.96
CA SER A 226 -22.58 9.57 -3.73
C SER A 226 -22.10 10.99 -4.04
N ALA A 227 -20.81 11.23 -3.83
CA ALA A 227 -20.21 12.54 -4.07
C ALA A 227 -19.72 12.69 -5.50
N ILE A 228 -19.06 11.66 -6.01
CA ILE A 228 -18.53 11.68 -7.38
C ILE A 228 -19.64 11.93 -8.39
N ALA A 229 -20.81 11.35 -8.14
CA ALA A 229 -21.96 11.51 -9.02
C ALA A 229 -22.18 13.00 -9.31
N ASN A 230 -22.08 13.83 -8.28
CA ASN A 230 -22.26 15.27 -8.46
C ASN A 230 -21.12 15.77 -9.31
N ILE A 231 -19.89 15.39 -8.94
CA ILE A 231 -18.69 15.80 -9.64
C ILE A 231 -18.85 15.65 -11.15
N GLN A 232 -19.38 14.52 -11.58
CA GLN A 232 -19.59 14.27 -13.00
C GLN A 232 -20.57 15.30 -13.55
N SER A 233 -21.73 15.38 -12.89
CA SER A 233 -22.78 16.32 -13.29
C SER A 233 -22.28 17.75 -13.31
N ASP A 234 -21.35 18.07 -12.41
CA ASP A 234 -20.82 19.42 -12.31
C ASP A 234 -19.71 19.75 -13.29
N ILE A 235 -19.40 18.84 -14.20
CA ILE A 235 -18.35 19.07 -15.19
C ILE A 235 -18.83 18.71 -16.59
N GLY A 236 -19.99 18.08 -16.66
CA GLY A 236 -20.54 17.69 -17.94
C GLY A 236 -20.13 16.28 -18.35
N ALA A 237 -19.68 15.50 -17.39
CA ALA A 237 -19.26 14.13 -17.66
C ALA A 237 -20.45 13.19 -17.54
N SER A 238 -20.79 12.54 -18.65
CA SER A 238 -21.91 11.61 -18.66
C SER A 238 -21.41 10.19 -18.93
N GLU A 239 -22.23 9.21 -18.60
CA GLU A 239 -21.86 7.81 -18.82
C GLU A 239 -22.61 7.24 -20.03
N ASN A 240 -21.94 6.35 -20.76
CA ASN A 240 -22.57 5.71 -21.91
C ASN A 240 -22.80 4.24 -21.53
N SER A 241 -23.47 3.49 -22.41
CA SER A 241 -23.76 2.08 -22.17
C SER A 241 -22.56 1.17 -22.35
N ASP A 242 -21.36 1.75 -22.30
CA ASP A 242 -20.12 1.00 -22.46
C ASP A 242 -19.32 1.08 -21.17
N GLY A 243 -19.79 1.89 -20.23
CA GLY A 243 -19.12 2.05 -18.96
C GLY A 243 -18.42 3.39 -18.85
N GLU A 244 -17.37 3.57 -19.64
CA GLU A 244 -16.57 4.80 -19.68
C GLU A 244 -17.37 6.09 -19.47
N MET A 245 -16.74 7.06 -18.82
CA MET A 245 -17.37 8.35 -18.56
C MET A 245 -17.13 9.30 -19.73
N VAL A 246 -18.08 9.36 -20.64
CA VAL A 246 -17.99 10.22 -21.81
C VAL A 246 -18.22 11.68 -21.46
N ILE A 247 -17.29 12.54 -21.88
CA ILE A 247 -17.40 13.97 -21.63
C ILE A 247 -16.71 14.74 -22.76
N SER A 248 -17.31 15.87 -23.14
CA SER A 248 -16.80 16.74 -24.21
C SER A 248 -15.29 16.96 -24.15
N CYS A 249 -14.61 16.77 -25.27
CA CYS A 249 -13.18 16.99 -25.33
C CYS A 249 -12.95 18.49 -25.37
N SER A 250 -14.03 19.23 -25.55
CA SER A 250 -13.99 20.69 -25.62
C SER A 250 -14.01 21.29 -24.22
N SER A 251 -14.83 20.68 -23.36
CA SER A 251 -14.97 21.13 -21.97
C SER A 251 -13.62 21.44 -21.34
N ILE A 252 -12.61 20.69 -21.76
CA ILE A 252 -11.25 20.87 -21.24
C ILE A 252 -10.84 22.33 -21.30
N ASP A 253 -11.11 22.95 -22.44
CA ASP A 253 -10.71 24.33 -22.66
C ASP A 253 -11.71 25.40 -22.21
N SER A 254 -12.63 25.06 -21.31
CA SER A 254 -13.61 26.04 -20.84
C SER A 254 -14.17 25.75 -19.46
N LEU A 255 -13.59 24.79 -18.76
CA LEU A 255 -14.06 24.43 -17.42
C LEU A 255 -13.26 25.06 -16.27
N PRO A 256 -13.85 25.08 -15.06
CA PRO A 256 -13.25 25.63 -13.85
C PRO A 256 -12.26 24.67 -13.20
N ASP A 257 -11.16 25.21 -12.66
CA ASP A 257 -10.14 24.41 -12.00
C ASP A 257 -10.68 23.92 -10.66
N ILE A 258 -11.07 22.65 -10.58
CA ILE A 258 -11.56 22.12 -9.31
C ILE A 258 -10.38 22.23 -8.35
N VAL A 259 -10.60 22.87 -7.21
CA VAL A 259 -9.54 23.07 -6.24
C VAL A 259 -9.69 22.30 -4.94
N PHE A 260 -8.63 21.58 -4.58
CA PHE A 260 -8.60 20.82 -3.34
C PHE A 260 -7.88 21.67 -2.31
N THR A 261 -8.58 22.00 -1.23
CA THR A 261 -8.01 22.83 -0.18
C THR A 261 -7.40 21.92 0.87
N ILE A 262 -6.10 22.05 1.06
CA ILE A 262 -5.36 21.22 2.01
C ILE A 262 -4.56 22.06 2.99
N ASN A 263 -4.96 21.99 4.26
CA ASN A 263 -4.30 22.73 5.33
C ASN A 263 -4.24 24.23 5.03
N GLY A 264 -5.30 24.76 4.44
CA GLY A 264 -5.32 26.18 4.15
C GLY A 264 -4.66 26.59 2.85
N VAL A 265 -4.11 25.64 2.12
CA VAL A 265 -3.48 25.98 0.85
C VAL A 265 -4.26 25.27 -0.26
N GLN A 266 -4.61 26.04 -1.28
CA GLN A 266 -5.38 25.52 -2.40
C GLN A 266 -4.53 24.80 -3.42
N TYR A 267 -5.05 23.67 -3.88
CA TYR A 267 -4.37 22.90 -4.89
C TYR A 267 -5.38 22.73 -6.02
N PRO A 268 -5.25 23.56 -7.05
CA PRO A 268 -6.10 23.59 -8.25
C PRO A 268 -5.81 22.47 -9.22
N LEU A 269 -6.87 21.83 -9.70
CA LEU A 269 -6.72 20.75 -10.65
C LEU A 269 -7.56 21.10 -11.88
N SER A 270 -6.90 21.68 -12.87
CA SER A 270 -7.56 22.09 -14.11
C SER A 270 -8.16 20.91 -14.86
N PRO A 271 -9.23 21.16 -15.64
CA PRO A 271 -9.87 20.08 -16.41
C PRO A 271 -8.88 19.51 -17.44
N SER A 272 -7.72 20.15 -17.54
CA SER A 272 -6.69 19.70 -18.46
C SER A 272 -5.84 18.69 -17.69
N ALA A 273 -6.35 18.31 -16.52
CA ALA A 273 -5.68 17.37 -15.65
C ALA A 273 -6.66 16.31 -15.20
N TYR A 274 -7.89 16.72 -14.90
CA TYR A 274 -8.88 15.76 -14.47
C TYR A 274 -9.71 15.20 -15.62
N ILE A 275 -9.31 15.54 -16.84
CA ILE A 275 -9.98 15.04 -18.04
C ILE A 275 -8.98 14.16 -18.77
N LEU A 276 -9.37 12.89 -18.99
CA LEU A 276 -8.52 11.94 -19.68
C LEU A 276 -8.74 12.04 -21.19
N GLN A 277 -7.75 12.57 -21.88
CA GLN A 277 -7.83 12.76 -23.32
C GLN A 277 -6.92 11.75 -24.03
N ASP A 278 -7.54 10.69 -24.57
CA ASP A 278 -6.79 9.65 -25.27
C ASP A 278 -6.78 9.95 -26.76
N ASP A 279 -7.97 9.98 -27.34
CA ASP A 279 -8.13 10.27 -28.77
C ASP A 279 -8.88 11.58 -28.86
N ASP A 280 -9.91 11.59 -29.68
CA ASP A 280 -10.75 12.76 -29.83
C ASP A 280 -11.97 12.40 -28.98
N SER A 281 -11.73 11.39 -28.13
CA SER A 281 -12.72 10.87 -27.20
C SER A 281 -12.19 11.10 -25.78
N CYS A 282 -12.80 12.03 -25.07
CA CYS A 282 -12.37 12.37 -23.71
C CYS A 282 -13.22 11.75 -22.62
N THR A 283 -12.56 11.42 -21.52
CA THR A 283 -13.22 10.79 -20.38
C THR A 283 -12.82 11.48 -19.07
N SER A 284 -13.70 11.35 -18.07
CA SER A 284 -13.46 11.96 -16.76
C SER A 284 -12.25 11.36 -16.07
N GLY A 285 -11.73 12.07 -15.08
CA GLY A 285 -10.59 11.59 -14.33
C GLY A 285 -10.99 11.22 -12.92
N PHE A 286 -12.29 11.28 -12.64
CA PHE A 286 -12.80 10.94 -11.32
C PHE A 286 -13.45 9.57 -11.36
N GLU A 287 -13.36 8.84 -10.26
CA GLU A 287 -13.93 7.50 -10.21
C GLU A 287 -14.70 7.25 -8.94
N GLY A 288 -15.92 6.73 -9.08
CA GLY A 288 -16.73 6.47 -7.93
C GLY A 288 -16.44 5.11 -7.32
N MET A 289 -16.25 5.11 -6.00
CA MET A 289 -15.99 3.90 -5.24
C MET A 289 -15.94 4.29 -3.77
N ASP A 290 -16.75 3.62 -2.96
CA ASP A 290 -16.78 3.89 -1.54
C ASP A 290 -15.69 3.09 -0.87
N VAL A 291 -14.83 3.79 -0.14
CA VAL A 291 -13.74 3.16 0.57
C VAL A 291 -13.93 3.43 2.05
N PRO A 292 -14.78 2.64 2.72
CA PRO A 292 -15.04 2.81 4.15
C PRO A 292 -13.88 2.47 5.05
N THR A 293 -13.64 3.34 6.03
CA THR A 293 -12.58 3.14 7.00
C THR A 293 -13.12 3.61 8.35
N SER A 294 -12.36 3.35 9.42
CA SER A 294 -12.78 3.76 10.74
C SER A 294 -12.58 5.27 10.84
N SER A 295 -11.99 5.85 9.80
CA SER A 295 -11.76 7.29 9.74
C SER A 295 -12.77 7.95 8.81
N GLY A 296 -13.75 7.17 8.34
CA GLY A 296 -14.78 7.70 7.45
C GLY A 296 -14.72 7.19 6.02
N GLU A 297 -15.23 8.00 5.08
CA GLU A 297 -15.24 7.67 3.65
C GLU A 297 -14.01 8.28 2.98
N LEU A 298 -13.08 7.43 2.57
CA LEU A 298 -11.84 7.89 1.97
C LEU A 298 -11.84 8.35 0.53
N TRP A 299 -11.04 9.38 0.28
CA TRP A 299 -10.85 9.93 -1.05
C TRP A 299 -9.42 9.54 -1.41
N ILE A 300 -9.21 9.06 -2.64
CA ILE A 300 -7.86 8.68 -3.06
C ILE A 300 -7.32 9.63 -4.13
N LEU A 301 -6.24 10.31 -3.81
CA LEU A 301 -5.60 11.22 -4.75
C LEU A 301 -4.52 10.45 -5.50
N GLY A 302 -4.90 9.93 -6.68
CA GLY A 302 -3.98 9.14 -7.50
C GLY A 302 -3.07 9.95 -8.41
N ASP A 303 -2.55 9.31 -9.45
CA ASP A 303 -1.63 9.97 -10.36
C ASP A 303 -2.21 11.21 -11.04
N VAL A 304 -3.52 11.21 -11.24
CA VAL A 304 -4.17 12.37 -11.85
C VAL A 304 -3.79 13.60 -11.04
N PHE A 305 -3.60 13.38 -9.75
CA PHE A 305 -3.23 14.44 -8.82
C PHE A 305 -1.72 14.55 -8.65
N ILE A 306 -1.07 13.43 -8.31
CA ILE A 306 0.38 13.44 -8.09
C ILE A 306 1.13 14.05 -9.29
N ARG A 307 0.62 13.82 -10.50
CA ARG A 307 1.26 14.34 -11.70
C ARG A 307 1.49 15.84 -11.65
N GLN A 308 0.59 16.54 -10.96
CA GLN A 308 0.69 17.99 -10.84
C GLN A 308 1.71 18.44 -9.81
N TYR A 309 1.93 17.66 -8.75
CA TYR A 309 2.88 18.08 -7.72
C TYR A 309 3.88 17.04 -7.22
N TYR A 310 5.11 17.51 -7.07
CA TYR A 310 6.22 16.72 -6.53
C TYR A 310 5.78 16.43 -5.10
N THR A 311 5.69 15.16 -4.74
CA THR A 311 5.24 14.82 -3.41
C THR A 311 6.33 14.18 -2.57
N VAL A 312 6.55 14.75 -1.40
CA VAL A 312 7.57 14.22 -0.50
C VAL A 312 6.90 13.52 0.67
N PHE A 313 7.29 12.27 0.90
CA PHE A 313 6.73 11.49 2.00
C PHE A 313 7.77 11.44 3.11
N ASP A 314 7.53 12.23 4.16
CA ASP A 314 8.45 12.35 5.28
C ASP A 314 8.02 11.48 6.47
N ARG A 315 8.76 10.40 6.71
CA ARG A 315 8.48 9.51 7.82
C ARG A 315 9.16 10.01 9.09
N ALA A 316 10.04 10.99 8.96
CA ALA A 316 10.75 11.55 10.12
C ALA A 316 9.80 12.33 11.04
N ASN A 317 9.00 13.20 10.45
CA ASN A 317 8.06 14.02 11.21
C ASN A 317 6.63 13.73 10.78
N ASN A 318 6.44 12.63 10.06
CA ASN A 318 5.10 12.23 9.59
C ASN A 318 4.38 13.36 8.86
N LYS A 319 4.91 13.77 7.71
CA LYS A 319 4.29 14.83 6.95
C LYS A 319 4.38 14.60 5.45
N VAL A 320 3.52 15.27 4.70
CA VAL A 320 3.50 15.20 3.24
C VAL A 320 3.84 16.59 2.71
N GLY A 321 4.84 16.66 1.83
CA GLY A 321 5.22 17.93 1.24
C GLY A 321 4.67 18.02 -0.17
N LEU A 322 4.23 19.21 -0.57
CA LEU A 322 3.67 19.41 -1.90
C LEU A 322 4.16 20.71 -2.52
N ALA A 323 4.27 20.69 -3.84
CA ALA A 323 4.73 21.84 -4.62
C ALA A 323 4.56 21.51 -6.11
N PRO A 324 4.15 22.50 -6.93
CA PRO A 324 3.94 22.30 -8.36
C PRO A 324 5.15 21.73 -9.10
N VAL A 325 4.89 20.73 -9.93
CA VAL A 325 5.93 20.07 -10.71
C VAL A 325 6.70 21.07 -11.56
N ALA A 326 8.02 20.99 -11.52
CA ALA A 326 8.85 21.90 -12.30
C ALA A 326 8.66 21.61 -13.79
N GLN B 1 -4.96 0.14 -3.59
CA GLN B 1 -4.77 0.49 -2.16
C GLN B 1 -4.95 -0.76 -1.31
N PHE B 2 -4.21 -0.86 -0.21
CA PHE B 2 -4.32 -2.02 0.66
C PHE B 2 -5.68 -1.99 1.35
N LEU B 3 -6.35 -3.12 1.42
CA LEU B 3 -7.63 -3.14 2.12
C LEU B 3 -7.66 -4.14 3.25
N PHE B 4 -6.99 -5.26 3.08
CA PHE B 4 -7.08 -6.27 4.11
C PHE B 4 -6.18 -7.45 3.82
N SER B 5 -5.81 -8.18 4.86
CA SER B 5 -4.98 -9.35 4.68
C SER B 5 -5.27 -10.39 5.75
N MET B 6 -4.87 -11.61 5.46
CA MET B 6 -5.01 -12.71 6.40
C MET B 6 -3.75 -13.52 6.18
N SER B 7 -3.18 -14.05 7.25
CA SER B 7 -1.97 -14.87 7.12
C SER B 7 -1.88 -15.85 8.27
N THR B 8 -1.05 -16.87 8.08
CA THR B 8 -0.87 -17.88 9.09
C THR B 8 0.58 -17.83 9.55
N GLY B 9 0.85 -18.34 10.74
CA GLY B 9 2.20 -18.32 11.26
C GLY B 9 3.07 -19.24 10.43
N PRO B 10 4.30 -19.56 10.89
CA PRO B 10 4.93 -19.11 12.14
C PRO B 10 5.29 -17.63 12.15
N PHE B 11 4.64 -16.86 13.01
CA PHE B 11 4.91 -15.44 13.10
C PHE B 11 6.21 -15.16 13.85
N ILE B 12 6.96 -14.18 13.34
CA ILE B 12 8.22 -13.78 13.94
C ILE B 12 7.99 -13.40 15.38
N CYS B 13 8.84 -13.93 16.24
CA CYS B 13 8.72 -13.68 17.66
C CYS B 13 10.02 -13.11 18.22
N THR B 14 9.92 -11.98 18.90
CA THR B 14 11.10 -11.37 19.47
C THR B 14 10.86 -10.82 20.87
N VAL B 15 11.87 -10.92 21.72
CA VAL B 15 11.77 -10.43 23.08
C VAL B 15 12.76 -9.31 23.31
N LYS B 16 12.25 -8.13 23.65
CA LYS B 16 13.09 -6.99 23.93
C LYS B 16 12.67 -6.44 25.28
N ASP B 17 13.63 -6.32 26.20
CA ASP B 17 13.36 -5.81 27.53
C ASP B 17 12.21 -6.55 28.19
N ASN B 18 12.16 -7.87 27.99
CA ASN B 18 11.12 -8.70 28.58
C ASN B 18 9.75 -8.57 27.92
N GLN B 19 9.64 -7.76 26.87
CA GLN B 19 8.36 -7.59 26.16
C GLN B 19 8.35 -8.50 24.95
N VAL B 20 7.34 -9.37 24.84
CA VAL B 20 7.25 -10.29 23.73
C VAL B 20 6.53 -9.67 22.54
N PHE B 21 7.15 -9.75 21.39
CA PHE B 21 6.56 -9.19 20.18
C PHE B 21 6.34 -10.27 19.15
N VAL B 22 5.11 -10.35 18.65
CA VAL B 22 4.74 -11.32 17.63
C VAL B 22 4.14 -10.51 16.49
N ALA B 23 4.67 -10.68 15.28
CA ALA B 23 4.17 -9.93 14.12
C ALA B 23 4.23 -8.45 14.49
N ASN B 24 5.27 -8.09 15.23
CA ASN B 24 5.49 -6.73 15.70
C ASN B 24 4.37 -6.14 16.56
N LEU B 25 3.60 -7.01 17.19
CA LEU B 25 2.55 -6.55 18.08
C LEU B 25 2.91 -6.98 19.50
N PRO B 26 2.65 -6.12 20.49
CA PRO B 26 2.96 -6.47 21.88
C PRO B 26 2.06 -7.63 22.28
N TRP B 27 2.64 -8.79 22.47
CA TRP B 27 1.90 -10.00 22.81
C TRP B 27 1.76 -10.29 24.30
N THR B 28 2.82 -10.02 25.06
CA THR B 28 2.81 -10.27 26.50
C THR B 28 4.15 -9.84 27.09
N MET B 29 4.15 -9.58 28.39
CA MET B 29 5.35 -9.16 29.12
C MET B 29 5.82 -10.34 29.98
N LEU B 30 7.11 -10.62 29.92
CA LEU B 30 7.68 -11.72 30.69
C LEU B 30 8.06 -11.25 32.10
N GLU B 31 7.83 -12.12 33.08
CA GLU B 31 8.15 -11.84 34.47
C GLU B 31 8.75 -13.07 35.15
N GLY B 32 9.54 -12.85 36.19
CA GLY B 32 10.15 -13.94 36.93
C GLY B 32 10.95 -14.99 36.17
N ASP B 33 10.43 -16.22 36.21
CA ASP B 33 11.05 -17.41 35.60
C ASP B 33 11.18 -17.45 34.08
N ASP B 34 10.73 -16.41 33.39
CA ASP B 34 10.80 -16.42 31.94
C ASP B 34 11.70 -15.32 31.38
N ILE B 35 12.19 -14.47 32.27
CA ILE B 35 13.06 -13.38 31.85
C ILE B 35 14.32 -13.93 31.18
N GLN B 36 14.99 -14.88 31.84
CA GLN B 36 16.18 -15.48 31.26
C GLN B 36 15.80 -16.27 29.99
N VAL B 37 14.78 -17.13 30.07
CA VAL B 37 14.32 -17.89 28.92
C VAL B 37 14.09 -16.97 27.72
N GLY B 38 13.47 -15.83 27.96
CA GLY B 38 13.24 -14.88 26.89
C GLY B 38 14.56 -14.45 26.26
N LYS B 39 15.51 -14.02 27.10
CA LYS B 39 16.82 -13.58 26.59
C LYS B 39 17.46 -14.69 25.78
N GLU B 40 17.31 -15.91 26.27
CA GLU B 40 17.86 -17.09 25.61
C GLU B 40 17.30 -17.22 24.20
N PHE B 41 15.98 -17.19 24.06
CA PHE B 41 15.33 -17.32 22.76
C PHE B 41 15.78 -16.20 21.81
N ALA B 42 15.88 -14.98 22.33
CA ALA B 42 16.32 -13.85 21.52
C ALA B 42 17.73 -14.13 20.96
N ALA B 43 18.58 -14.74 21.78
CA ALA B 43 19.93 -15.04 21.33
C ALA B 43 19.87 -16.14 20.28
N ARG B 44 18.96 -17.08 20.49
CA ARG B 44 18.81 -18.19 19.55
C ARG B 44 18.48 -17.63 18.15
N VAL B 45 17.43 -16.81 18.08
CA VAL B 45 17.02 -16.21 16.82
C VAL B 45 18.18 -15.50 16.13
N GLU B 46 18.90 -14.68 16.90
CA GLU B 46 20.04 -13.97 16.36
C GLU B 46 20.98 -14.96 15.68
N ASP B 47 21.27 -16.07 16.35
CA ASP B 47 22.16 -17.07 15.80
C ASP B 47 21.54 -17.70 14.54
N CYS B 48 20.27 -18.04 14.59
CA CYS B 48 19.63 -18.64 13.43
C CYS B 48 19.68 -17.73 12.21
N THR B 49 19.35 -16.46 12.40
CA THR B 49 19.33 -15.48 11.33
C THR B 49 20.69 -15.04 10.79
N ASN B 50 21.54 -14.51 11.66
CA ASN B 50 22.86 -14.00 11.27
C ASN B 50 23.93 -15.03 10.95
N VAL B 51 23.85 -16.21 11.56
CA VAL B 51 24.85 -17.25 11.31
C VAL B 51 24.36 -18.37 10.41
N LYS B 52 23.38 -19.13 10.91
CA LYS B 52 22.82 -20.26 10.18
C LYS B 52 21.87 -19.89 9.05
N HIS B 53 21.49 -18.62 8.96
CA HIS B 53 20.57 -18.19 7.93
C HIS B 53 19.41 -19.19 7.84
N ASP B 54 18.86 -19.56 9.00
CA ASP B 54 17.76 -20.52 9.07
C ASP B 54 16.63 -19.84 9.82
N MET B 55 15.47 -19.71 9.17
CA MET B 55 14.31 -19.07 9.81
C MET B 55 13.27 -20.08 10.30
N ALA B 56 13.46 -21.34 9.93
CA ALA B 56 12.51 -22.37 10.34
C ALA B 56 12.44 -22.43 11.87
N PRO B 57 11.32 -22.97 12.40
CA PRO B 57 11.15 -23.07 13.86
C PRO B 57 12.06 -24.14 14.48
N THR B 58 12.57 -25.03 13.66
CA THR B 58 13.46 -26.08 14.16
C THR B 58 14.78 -25.49 14.69
N CYS B 59 15.22 -24.36 14.13
CA CYS B 59 16.43 -23.69 14.57
C CYS B 59 16.02 -22.75 15.69
N THR B 60 14.99 -21.98 15.39
CA THR B 60 14.38 -20.98 16.26
C THR B 60 13.87 -21.46 17.61
N LYS B 61 13.16 -22.58 17.60
CA LYS B 61 12.57 -23.13 18.81
C LYS B 61 11.90 -22.05 19.62
N PRO B 62 10.74 -21.57 19.16
CA PRO B 62 10.03 -20.51 19.89
C PRO B 62 9.25 -21.10 21.08
N PRO B 63 9.46 -20.55 22.28
CA PRO B 63 8.74 -21.06 23.45
C PRO B 63 7.29 -20.60 23.50
N PRO B 64 6.45 -21.30 24.28
CA PRO B 64 5.02 -21.01 24.43
C PRO B 64 4.62 -19.55 24.61
N PHE B 65 5.48 -18.72 25.20
CA PHE B 65 5.14 -17.32 25.36
C PHE B 65 5.14 -16.61 24.01
N CYS B 66 5.43 -17.35 22.94
CA CYS B 66 5.41 -16.78 21.61
C CYS B 66 4.02 -17.02 20.98
N GLY B 67 3.12 -17.61 21.76
CA GLY B 67 1.78 -17.89 21.24
C GLY B 67 1.77 -19.06 20.27
N PRO B 68 0.59 -19.64 19.98
CA PRO B 68 0.49 -20.78 19.06
C PRO B 68 1.08 -20.48 17.68
N GLN B 69 1.94 -21.39 17.20
CA GLN B 69 2.61 -21.23 15.91
C GLN B 69 1.69 -21.45 14.72
N ASP B 70 0.43 -21.79 15.02
CA ASP B 70 -0.56 -22.06 13.97
C ASP B 70 -1.78 -21.15 14.12
N MET B 71 -1.59 -19.96 14.68
CA MET B 71 -2.73 -19.07 14.82
C MET B 71 -2.83 -18.21 13.56
N LYS B 72 -3.98 -17.56 13.38
CA LYS B 72 -4.23 -16.69 12.25
C LYS B 72 -4.06 -15.22 12.62
N MET B 73 -3.86 -14.39 11.60
CA MET B 73 -3.72 -12.95 11.78
C MET B 73 -4.44 -12.23 10.65
N PHE B 74 -5.30 -11.29 11.00
CA PHE B 74 -6.05 -10.53 10.01
C PHE B 74 -5.70 -9.07 10.12
N ASN B 75 -5.44 -8.42 9.00
CA ASN B 75 -5.11 -7.00 9.04
C ASN B 75 -6.14 -6.14 8.33
N PHE B 76 -6.68 -5.17 9.05
CA PHE B 76 -7.65 -4.21 8.49
C PHE B 76 -6.87 -2.91 8.65
N VAL B 77 -7.37 -1.80 8.12
CA VAL B 77 -6.61 -0.57 8.27
C VAL B 77 -6.79 0.02 9.68
N GLY B 78 -5.66 0.20 10.37
CA GLY B 78 -5.70 0.74 11.72
C GLY B 78 -6.28 -0.25 12.71
N CYS B 79 -6.27 -1.52 12.34
CA CYS B 79 -6.85 -2.54 13.20
C CYS B 79 -6.41 -3.96 12.84
N SER B 80 -6.17 -4.79 13.84
CA SER B 80 -5.77 -6.15 13.56
C SER B 80 -6.12 -7.16 14.63
N VAL B 81 -6.21 -8.42 14.22
CA VAL B 81 -6.51 -9.50 15.12
C VAL B 81 -5.45 -10.59 14.96
N LEU B 82 -4.82 -10.95 16.08
CA LEU B 82 -3.80 -12.00 16.07
C LEU B 82 -4.28 -12.96 17.14
N GLY B 83 -4.37 -14.24 16.78
CA GLY B 83 -4.86 -15.23 17.72
C GLY B 83 -6.26 -14.88 18.21
N ASN B 84 -6.40 -14.66 19.51
CA ASN B 84 -7.70 -14.31 20.10
C ASN B 84 -7.71 -12.88 20.59
N LYS B 85 -6.59 -12.19 20.37
CA LYS B 85 -6.43 -10.82 20.82
C LYS B 85 -6.73 -9.77 19.76
N LEU B 86 -7.31 -8.65 20.20
CA LEU B 86 -7.63 -7.53 19.33
C LEU B 86 -6.64 -6.43 19.58
N PHE B 87 -6.16 -5.79 18.51
CA PHE B 87 -5.19 -4.73 18.63
C PHE B 87 -5.63 -3.50 17.83
N ILE B 88 -5.83 -2.38 18.50
CA ILE B 88 -6.18 -1.14 17.82
C ILE B 88 -4.99 -0.20 17.96
N ASP B 89 -4.46 0.24 16.82
CA ASP B 89 -3.28 1.11 16.81
C ASP B 89 -2.10 0.37 17.43
N GLN B 90 -1.95 -0.89 17.04
CA GLN B 90 -0.87 -1.74 17.53
C GLN B 90 -0.83 -1.77 19.05
N LYS B 91 -2.00 -1.88 19.67
CA LYS B 91 -2.09 -1.91 21.13
C LYS B 91 -3.17 -2.89 21.57
N TYR B 92 -2.82 -3.77 22.51
CA TYR B 92 -3.79 -4.75 22.99
C TYR B 92 -5.05 -4.06 23.53
N VAL B 93 -6.21 -4.62 23.21
CA VAL B 93 -7.47 -4.06 23.68
C VAL B 93 -8.25 -5.07 24.52
N ARG B 94 -8.33 -6.30 24.03
CA ARG B 94 -9.08 -7.35 24.71
C ARG B 94 -9.11 -8.59 23.85
N ASP B 95 -9.61 -9.68 24.42
CA ASP B 95 -9.74 -10.93 23.67
C ASP B 95 -11.05 -10.89 22.91
N LEU B 96 -11.04 -11.40 21.68
CA LEU B 96 -12.23 -11.39 20.86
C LEU B 96 -13.40 -12.17 21.45
N THR B 97 -14.57 -11.55 21.44
CA THR B 97 -15.77 -12.20 21.92
C THR B 97 -16.27 -13.01 20.71
N ALA B 98 -17.29 -13.83 20.89
CA ALA B 98 -17.81 -14.63 19.79
C ALA B 98 -18.49 -13.69 18.81
N LYS B 99 -18.76 -12.47 19.25
CA LYS B 99 -19.39 -11.48 18.41
C LYS B 99 -18.33 -10.87 17.49
N ASP B 100 -17.13 -10.70 18.04
CA ASP B 100 -16.04 -10.15 17.26
C ASP B 100 -15.70 -11.15 16.15
N HIS B 101 -15.64 -12.43 16.51
CA HIS B 101 -15.33 -13.46 15.54
C HIS B 101 -16.35 -13.45 14.41
N ALA B 102 -17.62 -13.48 14.78
CA ALA B 102 -18.68 -13.48 13.81
C ALA B 102 -18.49 -12.30 12.85
N GLU B 103 -18.08 -11.16 13.41
CA GLU B 103 -17.84 -9.98 12.59
C GLU B 103 -16.69 -10.20 11.58
N VAL B 104 -15.71 -10.99 11.97
CA VAL B 104 -14.56 -11.30 11.12
C VAL B 104 -15.03 -12.19 9.98
N GLN B 105 -15.83 -13.20 10.29
CA GLN B 105 -16.32 -14.09 9.25
C GLN B 105 -17.15 -13.32 8.25
N THR B 106 -18.02 -12.43 8.75
CA THR B 106 -18.85 -11.65 7.84
C THR B 106 -17.95 -10.87 6.88
N PHE B 107 -16.95 -10.21 7.44
CA PHE B 107 -16.02 -9.41 6.67
C PHE B 107 -15.34 -10.24 5.59
N ARG B 108 -14.86 -11.42 5.97
CA ARG B 108 -14.19 -12.29 5.02
C ARG B 108 -15.18 -12.63 3.92
N GLU B 109 -16.43 -12.85 4.29
CA GLU B 109 -17.44 -13.16 3.29
C GLU B 109 -17.63 -12.03 2.30
N LYS B 110 -17.69 -10.81 2.80
CA LYS B 110 -17.87 -9.69 1.87
C LYS B 110 -16.61 -9.38 1.07
N ILE B 111 -15.44 -9.55 1.67
CA ILE B 111 -14.23 -9.26 0.92
C ILE B 111 -14.13 -10.30 -0.22
N ALA B 112 -14.53 -11.54 0.06
CA ALA B 112 -14.48 -12.58 -0.98
C ALA B 112 -15.30 -12.19 -2.19
N ALA B 113 -16.54 -11.73 -1.95
CA ALA B 113 -17.42 -11.33 -3.04
C ALA B 113 -16.87 -10.12 -3.81
N PHE B 114 -16.28 -9.19 -3.07
CA PHE B 114 -15.71 -7.99 -3.67
C PHE B 114 -14.49 -8.30 -4.55
N GLU B 115 -13.59 -9.17 -4.08
CA GLU B 115 -12.41 -9.46 -4.90
C GLU B 115 -12.80 -10.15 -6.20
N GLU B 116 -13.85 -10.97 -6.14
CA GLU B 116 -14.34 -11.65 -7.33
C GLU B 116 -14.64 -10.59 -8.41
N GLN B 117 -15.41 -9.58 -8.03
CA GLN B 117 -15.79 -8.50 -8.94
C GLN B 117 -14.56 -7.76 -9.47
N GLN B 118 -13.69 -7.37 -8.55
CA GLN B 118 -12.50 -6.62 -8.92
C GLN B 118 -11.56 -7.25 -9.96
N GLU B 119 -11.22 -8.52 -9.77
CA GLU B 119 -10.29 -9.15 -10.71
C GLU B 119 -10.93 -9.80 -11.94
N ASN B 120 -12.18 -9.46 -12.22
CA ASN B 120 -12.88 -10.00 -13.37
C ASN B 120 -13.78 -8.97 -14.07
N GLN B 121 -13.21 -7.79 -14.33
CA GLN B 121 -13.94 -6.71 -15.01
C GLN B 121 -13.41 -6.58 -16.44
N PRO B 122 -14.26 -6.82 -17.45
CA PRO B 122 -13.85 -6.71 -18.86
C PRO B 122 -13.33 -5.32 -19.23
N PRO B 133 -18.49 0.41 -11.46
CA PRO B 133 -18.88 -0.97 -11.17
C PRO B 133 -20.29 -1.33 -11.66
N ALA B 134 -21.10 -0.30 -11.91
CA ALA B 134 -22.47 -0.48 -12.39
C ALA B 134 -23.30 -1.30 -11.40
N GLY B 135 -23.87 -0.63 -10.41
CA GLY B 135 -24.68 -1.31 -9.41
C GLY B 135 -23.85 -2.44 -8.82
N GLY B 136 -22.56 -2.17 -8.66
CA GLY B 136 -21.66 -3.17 -8.11
C GLY B 136 -21.36 -3.06 -6.63
N LEU B 137 -20.30 -3.73 -6.22
CA LEU B 137 -19.91 -3.76 -4.82
C LEU B 137 -18.74 -2.85 -4.46
N SER B 138 -18.74 -2.39 -3.22
CA SER B 138 -17.67 -1.55 -2.72
C SER B 138 -16.97 -2.36 -1.63
N PRO B 139 -15.72 -2.00 -1.32
CA PRO B 139 -15.01 -2.75 -0.28
C PRO B 139 -15.84 -2.75 1.00
N PRO B 140 -15.92 -3.90 1.70
CA PRO B 140 -16.73 -3.90 2.91
C PRO B 140 -16.17 -2.97 4.00
N PRO B 141 -17.03 -2.58 4.95
CA PRO B 141 -16.53 -1.71 6.01
C PRO B 141 -15.83 -2.57 7.05
N PRO B 142 -14.81 -2.04 7.72
CA PRO B 142 -14.10 -2.81 8.74
C PRO B 142 -15.02 -3.22 9.86
N PRO B 143 -14.79 -4.39 10.47
CA PRO B 143 -15.63 -4.88 11.58
C PRO B 143 -15.78 -3.81 12.65
N SER B 144 -16.94 -3.79 13.31
CA SER B 144 -17.22 -2.77 14.33
C SER B 144 -16.17 -2.69 15.44
N PHE B 145 -15.68 -3.85 15.89
CA PHE B 145 -14.67 -3.86 16.95
C PHE B 145 -13.43 -3.03 16.61
N CYS B 146 -13.20 -2.77 15.33
CA CYS B 146 -12.05 -2.00 14.90
C CYS B 146 -12.05 -0.53 15.34
N THR B 147 -13.15 -0.10 15.93
CA THR B 147 -13.25 1.28 16.38
C THR B 147 -14.09 1.37 17.66
N VAL B 148 -13.63 2.15 18.63
CA VAL B 148 -14.33 2.34 19.92
C VAL B 148 -15.35 1.23 20.22
C1 MPD C . -2.12 -5.56 -8.57
C2 MPD C . -3.48 -5.47 -7.86
O2 MPD C . -4.50 -5.32 -8.82
CM MPD C . -3.73 -6.75 -7.05
C3 MPD C . -3.50 -4.25 -6.90
C4 MPD C . -2.50 -3.18 -7.39
O4 MPD C . -2.94 -2.66 -8.66
C5 MPD C . -2.40 -2.01 -6.41
#